data_4ZGP
#
_entry.id   4ZGP
#
_cell.length_a   86.483
_cell.length_b   91.436
_cell.length_c   86.006
_cell.angle_alpha   90.00
_cell.angle_beta   91.24
_cell.angle_gamma   90.00
#
_symmetry.space_group_name_H-M   'C 1 2 1'
#
loop_
_entity.id
_entity.type
_entity.pdbx_description
1 polymer 'Cell division cycle protein 123'
2 non-polymer "ADENOSINE-5'-DIPHOSPHATE"
3 water water
#
_entity_poly.entity_id   1
_entity_poly.type   'polypeptide(L)'
_entity_poly.pdbx_seq_one_letter_code
;GSSHHHHHHSSGLVPRGSHMTLILTKNQVLHCQFSSWYSLFRKLTPKAKVIKPIPATVLKYLHEDSIYVEQPMNTVEEVD
SEEDEESAPAYYPEREAIQLIEKAIKELGGAVVPKLNWSTPKDALWITTTGSLKCTTAEEVLLLLKSSDFVAHDLNHAFD
DCKDFDNADGSVPKDFSFELVLKEWFPMHASTEFRCFVKSKRLIAFCQRDDNYYEFLKENIDCYEKLISDLLKKLDTFPD
PDFVFDVYIHKDRAWLIDINPFYPRTDGLLFSWSELESMNSENMKPEIRLIPK
;
_entity_poly.pdbx_strand_id   A,B
#
loop_
_chem_comp.id
_chem_comp.type
_chem_comp.name
_chem_comp.formula
ADP non-polymer ADENOSINE-5'-DIPHOSPHATE 'C10 H15 N5 O10 P2'
#
# COMPACT_ATOMS: atom_id res chain seq x y z
N THR A 21 -20.62 -4.91 -19.23
CA THR A 21 -21.15 -4.23 -20.40
C THR A 21 -20.30 -3.00 -20.77
N LEU A 22 -19.78 -2.33 -19.74
CA LEU A 22 -18.83 -1.24 -19.94
C LEU A 22 -17.54 -1.79 -20.53
N ILE A 23 -17.15 -1.29 -21.70
CA ILE A 23 -15.87 -1.68 -22.28
C ILE A 23 -14.91 -0.50 -22.39
N LEU A 24 -13.62 -0.82 -22.42
CA LEU A 24 -12.54 0.17 -22.51
C LEU A 24 -11.73 -0.03 -23.78
N THR A 25 -11.56 1.02 -24.57
CA THR A 25 -10.73 0.89 -25.76
C THR A 25 -9.34 1.50 -25.52
N LYS A 26 -8.37 1.04 -26.31
CA LYS A 26 -7.04 1.62 -26.33
C LYS A 26 -7.06 3.14 -26.52
N ASN A 27 -7.90 3.63 -27.43
CA ASN A 27 -7.98 5.06 -27.65
C ASN A 27 -8.47 5.81 -26.41
N GLN A 28 -9.38 5.21 -25.66
CA GLN A 28 -9.87 5.88 -24.46
C GLN A 28 -8.76 6.07 -23.44
N VAL A 29 -7.88 5.08 -23.33
CA VAL A 29 -6.73 5.16 -22.43
C VAL A 29 -5.71 6.19 -22.93
N LEU A 30 -5.43 6.16 -24.23
CA LEU A 30 -4.51 7.12 -24.84
C LEU A 30 -4.99 8.57 -24.69
N HIS A 31 -6.30 8.81 -24.79
CA HIS A 31 -6.83 10.16 -24.69
C HIS A 31 -6.69 10.76 -23.29
N CYS A 32 -6.52 9.90 -22.30
CA CYS A 32 -6.42 10.34 -20.90
C CYS A 32 -4.98 10.54 -20.44
N GLN A 33 -4.00 10.31 -21.30
CA GLN A 33 -2.62 10.61 -20.93
C GLN A 33 -2.50 12.08 -20.60
N PHE A 34 -1.69 12.42 -19.59
CA PHE A 34 -1.52 13.82 -19.21
C PHE A 34 -1.15 14.72 -20.39
N SER A 35 -0.18 14.29 -21.17
CA SER A 35 0.24 15.10 -22.31
C SER A 35 -0.91 15.32 -23.30
N SER A 36 -1.84 14.38 -23.39
CA SER A 36 -2.93 14.54 -24.35
C SER A 36 -3.92 15.59 -23.91
N TRP A 37 -4.20 15.71 -22.62
CA TRP A 37 -5.24 16.67 -22.27
C TRP A 37 -4.69 17.96 -21.69
N TYR A 38 -3.44 17.93 -21.21
CA TYR A 38 -2.85 19.14 -20.64
C TYR A 38 -2.76 20.21 -21.71
N SER A 39 -2.39 19.76 -22.92
CA SER A 39 -2.37 20.55 -24.15
C SER A 39 -3.71 21.22 -24.43
N LEU A 40 -4.77 20.42 -24.41
CA LEU A 40 -6.13 20.94 -24.56
C LEU A 40 -6.54 21.99 -23.56
N PHE A 41 -6.19 21.76 -22.29
CA PHE A 41 -6.81 22.45 -21.18
C PHE A 41 -5.81 23.23 -20.32
N ARG A 42 -4.72 23.67 -20.94
CA ARG A 42 -3.66 24.38 -20.23
C ARG A 42 -4.18 25.57 -19.42
N LYS A 43 -5.16 26.28 -19.97
CA LYS A 43 -5.71 27.45 -19.28
C LYS A 43 -6.59 27.11 -18.07
N LEU A 44 -6.94 25.84 -17.90
CA LEU A 44 -7.89 25.42 -16.86
C LEU A 44 -7.25 24.62 -15.74
N THR A 45 -5.97 24.33 -15.87
CA THR A 45 -5.34 23.31 -15.04
C THR A 45 -4.05 23.89 -14.46
N PRO A 46 -3.69 23.44 -13.26
CA PRO A 46 -2.49 24.04 -12.65
C PRO A 46 -1.24 23.77 -13.47
N LYS A 47 -0.31 24.72 -13.41
CA LYS A 47 0.88 24.65 -14.25
C LYS A 47 1.67 23.35 -14.08
N ALA A 48 2.23 22.86 -15.17
CA ALA A 48 2.98 21.61 -15.16
C ALA A 48 4.01 21.59 -16.27
N LYS A 49 5.05 20.78 -16.10
CA LYS A 49 6.01 20.52 -17.16
C LYS A 49 5.98 19.06 -17.50
N VAL A 50 6.13 18.75 -18.77
CA VAL A 50 6.16 17.36 -19.19
C VAL A 50 7.49 16.99 -19.82
N ILE A 51 8.13 15.95 -19.29
CA ILE A 51 9.33 15.40 -19.93
C ILE A 51 8.97 14.16 -20.73
N LYS A 52 9.02 14.30 -22.06
CA LYS A 52 8.52 13.27 -22.95
C LYS A 52 9.37 13.19 -24.22
N PRO A 53 9.85 12.00 -24.56
CA PRO A 53 9.66 10.79 -23.75
C PRO A 53 10.49 10.83 -22.47
N ILE A 54 10.12 9.96 -21.53
CA ILE A 54 10.83 9.85 -20.26
C ILE A 54 12.25 9.34 -20.52
N PRO A 55 13.26 9.97 -19.88
CA PRO A 55 14.64 9.49 -20.03
C PRO A 55 14.75 8.02 -19.68
N ALA A 56 15.44 7.25 -20.53
CA ALA A 56 15.54 5.81 -20.37
C ALA A 56 16.15 5.38 -19.04
N THR A 57 17.12 6.15 -18.52
CA THR A 57 17.74 5.75 -17.26
C THR A 57 16.75 5.93 -16.11
N VAL A 58 15.86 6.92 -16.24
CA VAL A 58 14.80 7.11 -15.25
C VAL A 58 13.84 5.91 -15.32
N LEU A 59 13.46 5.54 -16.53
CA LEU A 59 12.55 4.42 -16.77
C LEU A 59 13.12 3.15 -16.17
N LYS A 60 14.42 2.96 -16.35
CA LYS A 60 15.11 1.78 -15.85
C LYS A 60 15.06 1.72 -14.32
N TYR A 61 15.35 2.85 -13.69
CA TYR A 61 15.30 2.98 -12.24
C TYR A 61 13.91 2.70 -11.65
N LEU A 62 12.86 3.13 -12.37
CA LEU A 62 11.50 3.01 -11.83
C LEU A 62 10.99 1.57 -11.75
N HIS A 63 11.60 0.66 -12.49
CA HIS A 63 11.19 -0.75 -12.47
C HIS A 63 11.80 -1.58 -11.32
N GLU A 64 12.60 -0.96 -10.46
CA GLU A 64 13.25 -1.68 -9.36
C GLU A 64 12.30 -2.03 -8.23
N ASP A 65 12.28 -3.31 -7.84
CA ASP A 65 11.36 -3.77 -6.80
C ASP A 65 12.02 -3.94 -5.42
N SER A 66 13.03 -3.13 -5.12
CA SER A 66 13.70 -3.22 -3.84
C SER A 66 12.85 -2.65 -2.70
N ILE A 67 13.00 -3.21 -1.50
CA ILE A 67 12.27 -2.71 -0.35
C ILE A 67 13.15 -1.92 0.64
N TYR A 68 14.46 -2.17 0.60
CA TYR A 68 15.38 -1.54 1.55
C TYR A 68 15.77 -0.12 1.11
N VAL A 69 16.22 0.69 2.07
CA VAL A 69 16.67 2.05 1.78
C VAL A 69 18.03 2.06 1.08
N TYR A 91 21.37 1.15 -8.46
CA TYR A 91 21.25 1.92 -9.70
C TYR A 91 20.56 3.27 -9.47
N TYR A 92 20.92 4.26 -10.27
CA TYR A 92 20.35 5.59 -10.17
C TYR A 92 20.50 6.27 -11.54
N PRO A 93 19.51 7.11 -11.91
CA PRO A 93 19.55 7.74 -13.25
C PRO A 93 20.80 8.61 -13.46
N GLU A 94 21.19 8.82 -14.72
CA GLU A 94 22.38 9.60 -15.02
C GLU A 94 22.15 11.09 -14.72
N ARG A 95 23.25 11.82 -14.54
CA ARG A 95 23.17 13.20 -14.06
C ARG A 95 22.36 14.10 -14.98
N GLU A 96 22.40 13.82 -16.28
CA GLU A 96 21.70 14.63 -17.26
C GLU A 96 20.20 14.64 -16.98
N ALA A 97 19.68 13.46 -16.67
CA ALA A 97 18.27 13.29 -16.35
C ALA A 97 17.94 14.01 -15.03
N ILE A 98 18.80 13.83 -14.04
CA ILE A 98 18.61 14.50 -12.75
C ILE A 98 18.58 16.02 -12.91
N GLN A 99 19.48 16.57 -13.72
CA GLN A 99 19.49 18.03 -13.91
C GLN A 99 18.25 18.51 -14.67
N LEU A 100 17.80 17.69 -15.62
CA LEU A 100 16.60 18.00 -16.40
C LEU A 100 15.39 18.10 -15.48
N ILE A 101 15.27 17.12 -14.59
CA ILE A 101 14.19 17.11 -13.61
C ILE A 101 14.27 18.30 -12.68
N GLU A 102 15.47 18.62 -12.19
CA GLU A 102 15.53 19.70 -11.23
C GLU A 102 15.45 21.07 -11.91
N LYS A 103 15.71 21.12 -13.20
CA LYS A 103 15.46 22.34 -13.96
C LYS A 103 13.96 22.63 -13.97
N ALA A 104 13.18 21.60 -14.26
CA ALA A 104 11.72 21.71 -14.25
C ALA A 104 11.18 22.11 -12.88
N ILE A 105 11.73 21.52 -11.82
CA ILE A 105 11.31 21.86 -10.47
C ILE A 105 11.56 23.33 -10.16
N LYS A 106 12.77 23.79 -10.47
CA LYS A 106 13.11 25.21 -10.29
C LYS A 106 12.15 26.13 -11.05
N GLU A 107 11.91 25.80 -12.31
CA GLU A 107 10.99 26.56 -13.14
C GLU A 107 9.55 26.58 -12.64
N LEU A 108 9.18 25.60 -11.82
CA LEU A 108 7.82 25.55 -11.27
C LEU A 108 7.76 26.15 -9.87
N GLY A 109 8.87 26.73 -9.43
CA GLY A 109 8.89 27.42 -8.16
C GLY A 109 9.48 26.64 -7.00
N GLY A 110 10.12 25.50 -7.30
CA GLY A 110 10.81 24.74 -6.28
C GLY A 110 10.08 23.57 -5.62
N ALA A 111 8.82 23.35 -5.97
CA ALA A 111 8.08 22.23 -5.39
C ALA A 111 7.09 21.66 -6.41
N VAL A 112 7.14 20.33 -6.59
CA VAL A 112 6.27 19.67 -7.59
C VAL A 112 5.63 18.39 -7.07
N VAL A 113 4.56 17.97 -7.76
CA VAL A 113 3.98 16.65 -7.60
C VAL A 113 4.21 15.86 -8.89
N PRO A 114 4.91 14.72 -8.81
CA PRO A 114 5.24 13.96 -10.01
C PRO A 114 4.17 12.96 -10.38
N LYS A 115 4.04 12.62 -11.66
CA LYS A 115 3.18 11.48 -12.07
C LYS A 115 3.69 10.98 -13.42
N LEU A 116 3.28 9.79 -13.86
CA LEU A 116 3.55 9.40 -15.24
C LEU A 116 2.30 9.71 -16.05
N ASN A 117 2.05 8.95 -17.12
CA ASN A 117 1.02 9.38 -18.06
C ASN A 117 -0.35 9.45 -17.43
N TRP A 118 -0.65 8.55 -16.49
CA TRP A 118 -2.02 8.55 -15.94
C TRP A 118 -2.12 8.73 -14.44
N SER A 119 -1.25 8.06 -13.68
CA SER A 119 -1.49 7.91 -12.24
C SER A 119 -0.52 8.71 -11.36
N THR A 120 -1.09 9.47 -10.44
CA THR A 120 -0.35 10.19 -9.40
C THR A 120 -0.07 9.21 -8.26
N PRO A 121 1.17 9.19 -7.74
CA PRO A 121 1.58 8.23 -6.70
C PRO A 121 1.02 8.59 -5.32
N LYS A 122 -0.29 8.75 -5.26
CA LYS A 122 -0.97 9.14 -4.04
C LYS A 122 -0.88 8.02 -3.00
N ASP A 123 -0.60 6.83 -3.48
CA ASP A 123 -0.59 5.64 -2.61
C ASP A 123 0.73 5.47 -1.91
N ALA A 124 1.68 6.33 -2.24
CA ALA A 124 3.06 6.08 -1.86
C ALA A 124 3.55 7.08 -0.82
N LEU A 125 2.60 7.70 -0.12
CA LEU A 125 2.95 8.65 0.93
C LEU A 125 3.77 8.01 2.06
N TRP A 126 3.59 6.71 2.26
CA TRP A 126 4.26 5.97 3.33
C TRP A 126 5.77 6.02 3.22
N ILE A 127 6.31 6.32 2.04
CA ILE A 127 7.76 6.31 1.90
C ILE A 127 8.38 7.70 2.04
N THR A 128 7.56 8.73 2.13
CA THR A 128 8.12 10.07 2.14
C THR A 128 8.53 10.48 3.56
N THR A 129 9.63 11.23 3.65
CA THR A 129 10.11 11.67 4.95
C THR A 129 9.16 12.67 5.60
N THR A 130 8.20 13.19 4.81
CA THR A 130 7.30 14.26 5.27
C THR A 130 5.81 13.94 5.18
N GLY A 131 5.45 12.79 4.63
CA GLY A 131 4.04 12.41 4.47
C GLY A 131 3.28 13.19 3.41
N SER A 132 4.00 13.72 2.43
CA SER A 132 3.40 14.61 1.44
C SER A 132 3.80 14.19 0.02
N LEU A 133 3.02 14.60 -0.96
CA LEU A 133 3.37 14.38 -2.35
C LEU A 133 4.37 15.43 -2.83
N LYS A 134 4.54 16.47 -2.03
CA LYS A 134 5.44 17.56 -2.37
C LYS A 134 6.88 17.08 -2.54
N CYS A 135 7.49 17.37 -3.68
CA CYS A 135 8.87 16.97 -3.95
C CYS A 135 9.64 18.22 -4.33
N THR A 136 10.83 18.37 -3.77
CA THR A 136 11.64 19.56 -4.05
C THR A 136 12.96 19.21 -4.76
N THR A 137 13.28 17.93 -4.86
CA THR A 137 14.48 17.50 -5.54
C THR A 137 14.18 16.32 -6.43
N ALA A 138 15.10 15.99 -7.33
CA ALA A 138 14.90 14.83 -8.20
C ALA A 138 14.86 13.55 -7.39
N GLU A 139 15.64 13.51 -6.32
CA GLU A 139 15.67 12.34 -5.46
C GLU A 139 14.30 12.03 -4.88
N GLU A 140 13.61 13.06 -4.42
CA GLU A 140 12.27 12.94 -3.86
CA GLU A 140 12.28 12.91 -3.86
C GLU A 140 11.27 12.49 -4.92
N VAL A 141 11.34 13.11 -6.09
CA VAL A 141 10.48 12.73 -7.20
C VAL A 141 10.63 11.22 -7.51
N LEU A 142 11.88 10.78 -7.63
CA LEU A 142 12.17 9.42 -8.06
C LEU A 142 11.80 8.40 -7.01
N LEU A 143 12.04 8.73 -5.76
CA LEU A 143 11.73 7.82 -4.67
C LEU A 143 10.21 7.61 -4.60
N LEU A 144 9.46 8.69 -4.72
CA LEU A 144 8.01 8.62 -4.66
C LEU A 144 7.44 7.81 -5.85
N LEU A 145 7.95 8.06 -7.04
CA LEU A 145 7.47 7.33 -8.21
C LEU A 145 7.83 5.85 -8.16
N LYS A 146 9.03 5.54 -7.68
CA LYS A 146 9.47 4.16 -7.59
C LYS A 146 8.62 3.33 -6.62
N SER A 147 8.03 3.98 -5.63
CA SER A 147 7.35 3.24 -4.55
C SER A 147 5.86 3.08 -4.75
N SER A 148 5.34 3.66 -5.83
CA SER A 148 3.91 3.63 -6.08
C SER A 148 3.43 2.40 -6.86
N ASP A 149 2.38 1.75 -6.34
CA ASP A 149 1.66 0.70 -7.07
C ASP A 149 0.97 1.27 -8.33
N PHE A 150 0.44 2.48 -8.18
CA PHE A 150 -0.28 3.12 -9.28
C PHE A 150 0.68 3.38 -10.43
N VAL A 151 1.84 3.92 -10.11
CA VAL A 151 2.86 4.21 -11.12
C VAL A 151 3.30 2.91 -11.79
N ALA A 152 3.48 1.86 -11.00
CA ALA A 152 3.84 0.55 -11.51
C ALA A 152 2.77 0.01 -12.45
N HIS A 153 1.52 0.32 -12.15
CA HIS A 153 0.44 -0.10 -13.04
C HIS A 153 0.49 0.62 -14.38
N ASP A 154 0.84 1.91 -14.36
CA ASP A 154 1.05 2.66 -15.60
C ASP A 154 2.14 2.02 -16.43
N LEU A 155 3.23 1.63 -15.76
CA LEU A 155 4.43 1.12 -16.43
C LEU A 155 4.26 -0.27 -17.02
N ASN A 156 3.42 -1.10 -16.41
CA ASN A 156 3.36 -2.51 -16.79
C ASN A 156 2.00 -3.01 -17.30
N HIS A 157 0.91 -2.30 -17.00
CA HIS A 157 -0.42 -2.84 -17.26
C HIS A 157 -1.41 -1.83 -17.82
N ALA A 158 -0.92 -0.72 -18.37
CA ALA A 158 -1.80 0.38 -18.73
C ALA A 158 -2.89 0.02 -19.73
N PHE A 159 -2.61 -0.92 -20.63
CA PHE A 159 -3.56 -1.24 -21.69
C PHE A 159 -4.20 -2.62 -21.56
N ASP A 160 -4.05 -3.25 -20.41
CA ASP A 160 -4.48 -4.64 -20.25
C ASP A 160 -6.00 -4.82 -20.27
N ASP A 161 -6.74 -3.76 -19.95
CA ASP A 161 -8.20 -3.86 -19.95
C ASP A 161 -8.83 -3.45 -21.27
N CYS A 162 -8.01 -3.03 -22.23
CA CYS A 162 -8.54 -2.62 -23.52
C CYS A 162 -8.91 -3.82 -24.36
N LYS A 163 -10.18 -3.91 -24.73
CA LYS A 163 -10.65 -5.07 -25.45
C LYS A 163 -10.05 -5.11 -26.86
N ASP A 164 -9.71 -3.94 -27.41
CA ASP A 164 -9.22 -3.88 -28.77
C ASP A 164 -7.69 -3.89 -28.85
N PHE A 165 -7.04 -4.34 -27.78
CA PHE A 165 -5.60 -4.36 -27.74
C PHE A 165 -5.06 -5.51 -26.88
N ASP A 166 -4.37 -6.45 -27.52
CA ASP A 166 -3.91 -7.68 -26.86
C ASP A 166 -2.44 -7.60 -26.42
N ASN A 167 -2.13 -8.30 -25.33
CA ASN A 167 -0.83 -8.19 -24.69
C ASN A 167 -0.19 -9.55 -24.45
N SER A 171 2.49 -4.76 -22.82
CA SER A 171 2.87 -4.27 -24.15
C SER A 171 2.08 -3.01 -24.52
N VAL A 172 2.60 -2.23 -25.47
CA VAL A 172 2.09 -0.88 -25.70
C VAL A 172 1.87 -0.59 -27.19
N PRO A 173 0.98 0.37 -27.50
CA PRO A 173 0.68 0.73 -28.89
C PRO A 173 1.82 1.47 -29.59
N LYS A 174 1.71 1.53 -30.90
CA LYS A 174 2.59 2.29 -31.78
C LYS A 174 2.52 3.79 -31.47
N ASP A 175 3.67 4.44 -31.52
CA ASP A 175 3.76 5.90 -31.32
C ASP A 175 3.33 6.33 -29.91
N PHE A 176 3.40 5.40 -28.97
CA PHE A 176 3.17 5.72 -27.56
C PHE A 176 4.51 5.92 -26.88
N SER A 177 4.58 6.81 -25.90
CA SER A 177 5.76 6.86 -25.04
C SER A 177 5.37 7.20 -23.61
N PHE A 178 6.12 6.69 -22.63
CA PHE A 178 5.92 7.11 -21.26
C PHE A 178 6.44 8.56 -21.10
N GLU A 179 5.87 9.27 -20.14
CA GLU A 179 6.22 10.67 -19.93
C GLU A 179 6.34 10.91 -18.44
N LEU A 180 7.24 11.80 -18.07
CA LEU A 180 7.38 12.23 -16.70
C LEU A 180 6.73 13.59 -16.54
N VAL A 181 5.69 13.62 -15.72
CA VAL A 181 4.96 14.84 -15.47
C VAL A 181 5.37 15.42 -14.14
N LEU A 182 5.72 16.70 -14.14
CA LEU A 182 5.96 17.42 -12.90
C LEU A 182 4.94 18.56 -12.80
N LYS A 183 3.98 18.39 -11.90
CA LYS A 183 2.99 19.44 -11.66
C LYS A 183 3.47 20.38 -10.60
N GLU A 184 3.26 21.68 -10.78
CA GLU A 184 3.59 22.62 -9.71
C GLU A 184 2.80 22.27 -8.46
N TRP A 185 3.48 22.12 -7.33
CA TRP A 185 2.83 21.84 -6.08
C TRP A 185 2.12 23.07 -5.55
N PHE A 186 0.93 22.87 -5.00
CA PHE A 186 0.28 23.93 -4.26
C PHE A 186 -0.50 23.29 -3.13
N PRO A 187 -0.59 23.97 -2.00
CA PRO A 187 -1.41 23.38 -0.94
C PRO A 187 -2.87 23.39 -1.39
N MET A 188 -3.56 22.27 -1.33
CA MET A 188 -4.96 22.28 -1.73
C MET A 188 -5.84 21.70 -0.62
N HIS A 189 -7.01 22.31 -0.44
CA HIS A 189 -7.98 21.82 0.55
C HIS A 189 -8.57 20.51 0.04
N ALA A 190 -8.26 19.40 0.71
CA ALA A 190 -8.66 18.09 0.22
C ALA A 190 -10.17 17.98 0.04
N SER A 191 -10.91 18.71 0.87
CA SER A 191 -12.37 18.56 0.91
C SER A 191 -13.09 19.42 -0.12
N THR A 192 -12.37 20.24 -0.88
CA THR A 192 -13.05 20.95 -1.96
C THR A 192 -12.56 20.44 -3.32
N GLU A 193 -12.16 19.17 -3.32
CA GLU A 193 -11.88 18.49 -4.57
CA GLU A 193 -11.85 18.43 -4.54
C GLU A 193 -13.01 17.52 -4.88
N PHE A 194 -13.36 17.39 -6.15
CA PHE A 194 -14.50 16.55 -6.53
C PHE A 194 -14.13 15.64 -7.69
N ARG A 195 -14.83 14.52 -7.79
CA ARG A 195 -14.71 13.65 -8.94
C ARG A 195 -16.03 13.67 -9.69
N CYS A 196 -15.97 13.85 -11.02
CA CYS A 196 -17.13 14.26 -11.80
C CYS A 196 -17.27 13.32 -13.00
N PHE A 197 -18.46 12.78 -13.13
CA PHE A 197 -18.69 11.68 -14.04
C PHE A 197 -19.53 12.16 -15.20
N VAL A 198 -19.07 11.85 -16.41
CA VAL A 198 -19.63 12.39 -17.62
C VAL A 198 -20.02 11.24 -18.53
N LYS A 199 -21.27 11.26 -19.01
CA LYS A 199 -21.73 10.23 -19.92
C LYS A 199 -22.54 10.88 -21.02
N SER A 200 -22.24 10.52 -22.26
CA SER A 200 -22.77 11.19 -23.44
C SER A 200 -22.66 12.71 -23.32
N LYS A 201 -21.48 13.16 -22.89
CA LYS A 201 -21.16 14.58 -22.76
CA LYS A 201 -21.19 14.60 -22.79
C LYS A 201 -22.01 15.32 -21.74
N ARG A 202 -22.70 14.59 -20.87
CA ARG A 202 -23.47 15.25 -19.83
C ARG A 202 -22.94 14.85 -18.43
N LEU A 203 -23.02 15.79 -17.51
CA LEU A 203 -22.64 15.53 -16.12
C LEU A 203 -23.74 14.76 -15.40
N ILE A 204 -23.51 13.50 -15.13
CA ILE A 204 -24.54 12.66 -14.53
C ILE A 204 -24.40 12.57 -13.00
N ALA A 205 -23.19 12.85 -12.51
CA ALA A 205 -22.90 12.68 -11.08
C ALA A 205 -21.57 13.32 -10.72
N PHE A 206 -21.46 13.77 -9.47
CA PHE A 206 -20.14 14.08 -8.91
C PHE A 206 -20.17 13.91 -7.40
N CYS A 207 -18.98 13.69 -6.85
CA CYS A 207 -18.87 13.48 -5.42
C CYS A 207 -17.62 14.12 -4.88
N GLN A 208 -17.67 14.40 -3.60
CA GLN A 208 -16.49 14.77 -2.85
C GLN A 208 -15.38 13.74 -3.05
N ARG A 209 -14.15 14.24 -3.18
CA ARG A 209 -13.01 13.39 -3.54
CA ARG A 209 -13.04 13.36 -3.54
C ARG A 209 -12.38 12.71 -2.34
N ASP A 210 -12.35 13.40 -1.20
CA ASP A 210 -11.70 12.84 -0.01
C ASP A 210 -12.73 12.15 0.87
N ASP A 211 -12.34 11.71 2.07
CA ASP A 211 -13.31 10.97 2.87
C ASP A 211 -13.64 11.62 4.21
N ASN A 212 -13.44 12.94 4.31
CA ASN A 212 -13.80 13.63 5.54
C ASN A 212 -14.99 14.53 5.35
N TYR A 213 -15.93 14.44 6.27
CA TYR A 213 -17.09 15.30 6.30
C TYR A 213 -16.65 16.76 6.34
N TYR A 214 -17.37 17.61 5.63
CA TYR A 214 -17.03 19.04 5.55
C TYR A 214 -18.34 19.79 5.39
N GLU A 215 -18.86 20.33 6.49
CA GLU A 215 -20.21 20.91 6.50
C GLU A 215 -20.39 22.05 5.50
N PHE A 216 -19.31 22.77 5.20
CA PHE A 216 -19.34 23.90 4.26
C PHE A 216 -19.91 23.51 2.89
N LEU A 217 -19.72 22.24 2.51
CA LEU A 217 -20.15 21.78 1.19
C LEU A 217 -21.67 21.79 1.04
N LYS A 218 -22.37 21.39 2.09
CA LYS A 218 -23.82 21.22 2.02
C LYS A 218 -24.52 22.52 1.69
N GLU A 219 -24.08 23.58 2.36
CA GLU A 219 -24.62 24.92 2.24
C GLU A 219 -24.28 25.56 0.88
N ASN A 220 -23.26 25.05 0.22
CA ASN A 220 -22.74 25.68 -0.98
C ASN A 220 -22.76 24.80 -2.22
N ILE A 221 -23.58 23.74 -2.17
CA ILE A 221 -23.52 22.71 -3.21
C ILE A 221 -23.99 23.22 -4.57
N ASP A 222 -24.95 24.15 -4.60
CA ASP A 222 -25.41 24.68 -5.89
C ASP A 222 -24.31 25.51 -6.56
N CYS A 223 -23.55 26.22 -5.74
CA CYS A 223 -22.41 26.99 -6.25
C CYS A 223 -21.37 26.04 -6.85
N TYR A 224 -21.02 24.97 -6.11
CA TYR A 224 -20.05 24.00 -6.63
C TYR A 224 -20.54 23.36 -7.91
N GLU A 225 -21.83 22.99 -7.95
CA GLU A 225 -22.41 22.36 -9.11
C GLU A 225 -22.30 23.26 -10.34
N LYS A 226 -22.61 24.54 -10.16
CA LYS A 226 -22.56 25.48 -11.28
C LYS A 226 -21.14 25.63 -11.80
N LEU A 227 -20.17 25.73 -10.90
CA LEU A 227 -18.77 25.83 -11.32
C LEU A 227 -18.28 24.57 -12.06
N ILE A 228 -18.73 23.40 -11.61
CA ILE A 228 -18.36 22.13 -12.27
C ILE A 228 -19.01 22.03 -13.65
N SER A 229 -20.29 22.40 -13.72
CA SER A 229 -21.04 22.44 -14.98
CA SER A 229 -20.99 22.38 -15.01
C SER A 229 -20.37 23.38 -15.99
N ASP A 230 -19.99 24.55 -15.51
CA ASP A 230 -19.32 25.53 -16.36
C ASP A 230 -17.99 25.02 -16.88
N LEU A 231 -17.22 24.35 -16.02
CA LEU A 231 -15.95 23.76 -16.45
C LEU A 231 -16.19 22.71 -17.54
N LEU A 232 -17.19 21.85 -17.36
CA LEU A 232 -17.45 20.80 -18.32
C LEU A 232 -17.73 21.39 -19.71
N LYS A 233 -18.38 22.56 -19.76
CA LYS A 233 -18.62 23.21 -21.04
C LYS A 233 -17.30 23.55 -21.73
N LYS A 234 -16.28 23.80 -20.92
CA LYS A 234 -14.97 24.14 -21.47
C LYS A 234 -14.12 22.92 -21.84
N LEU A 235 -14.66 21.72 -21.58
CA LEU A 235 -13.95 20.47 -21.91
C LEU A 235 -14.45 19.89 -23.23
N ASP A 236 -15.06 20.77 -24.02
CA ASP A 236 -15.69 20.39 -25.29
C ASP A 236 -14.73 19.73 -26.27
N THR A 237 -13.43 19.96 -26.12
CA THR A 237 -12.46 19.39 -27.06
C THR A 237 -12.01 17.98 -26.65
N PHE A 238 -12.44 17.52 -25.47
CA PHE A 238 -12.07 16.18 -25.09
C PHE A 238 -12.81 15.21 -26.04
N PRO A 239 -12.10 14.21 -26.59
CA PRO A 239 -12.63 13.52 -27.77
C PRO A 239 -13.63 12.40 -27.49
N ASP A 240 -13.76 11.95 -26.23
CA ASP A 240 -14.69 10.86 -25.91
C ASP A 240 -15.96 11.37 -25.22
N PRO A 241 -17.10 10.68 -25.42
CA PRO A 241 -18.37 11.12 -24.82
C PRO A 241 -18.48 10.81 -23.32
N ASP A 242 -17.79 9.76 -22.88
CA ASP A 242 -17.83 9.36 -21.47
C ASP A 242 -16.43 9.43 -20.85
N PHE A 243 -16.32 10.09 -19.70
CA PHE A 243 -15.04 10.18 -19.02
C PHE A 243 -15.26 10.67 -17.59
N VAL A 244 -14.18 10.73 -16.82
CA VAL A 244 -14.27 11.17 -15.42
C VAL A 244 -13.25 12.27 -15.21
N PHE A 245 -13.65 13.42 -14.67
CA PHE A 245 -12.64 14.47 -14.46
C PHE A 245 -12.62 14.89 -13.00
N ASP A 246 -11.42 15.19 -12.48
CA ASP A 246 -11.28 15.63 -11.10
C ASP A 246 -11.12 17.13 -11.09
N VAL A 247 -11.74 17.79 -10.13
CA VAL A 247 -11.69 19.25 -10.07
CA VAL A 247 -11.74 19.25 -10.06
C VAL A 247 -11.36 19.72 -8.66
N TYR A 248 -10.63 20.82 -8.60
CA TYR A 248 -10.34 21.48 -7.33
C TYR A 248 -11.01 22.85 -7.38
N ILE A 249 -11.87 23.13 -6.41
CA ILE A 249 -12.61 24.40 -6.44
C ILE A 249 -12.19 25.22 -5.24
N HIS A 250 -11.67 26.40 -5.52
CA HIS A 250 -11.09 27.21 -4.48
C HIS A 250 -11.37 28.67 -4.80
N LYS A 251 -11.95 29.39 -3.84
CA LYS A 251 -12.30 30.80 -4.04
C LYS A 251 -13.02 31.05 -5.36
N ASP A 252 -14.10 30.29 -5.59
CA ASP A 252 -15.01 30.46 -6.71
C ASP A 252 -14.36 30.21 -8.06
N ARG A 253 -13.26 29.46 -8.06
CA ARG A 253 -12.55 29.10 -9.27
C ARG A 253 -12.34 27.60 -9.33
N ALA A 254 -12.74 26.99 -10.43
CA ALA A 254 -12.59 25.56 -10.62
C ALA A 254 -11.32 25.30 -11.41
N TRP A 255 -10.53 24.34 -10.94
CA TRP A 255 -9.33 23.91 -11.63
C TRP A 255 -9.48 22.46 -12.05
N LEU A 256 -9.22 22.18 -13.32
CA LEU A 256 -9.16 20.78 -13.75
C LEU A 256 -7.92 20.09 -13.19
N ILE A 257 -8.08 18.95 -12.53
CA ILE A 257 -6.92 18.28 -11.95
C ILE A 257 -6.51 17.02 -12.72
N ASP A 258 -7.50 16.27 -13.22
CA ASP A 258 -7.15 15.05 -13.94
C ASP A 258 -8.34 14.63 -14.78
N ILE A 259 -8.08 13.80 -15.77
CA ILE A 259 -9.13 13.19 -16.58
C ILE A 259 -8.81 11.70 -16.65
N ASN A 260 -9.80 10.86 -16.39
CA ASN A 260 -9.62 9.41 -16.37
C ASN A 260 -10.71 8.69 -17.17
N PRO A 261 -10.47 7.43 -17.56
CA PRO A 261 -11.51 6.75 -18.36
C PRO A 261 -12.80 6.48 -17.60
N PHE A 262 -13.91 6.41 -18.33
CA PHE A 262 -15.21 6.02 -17.75
C PHE A 262 -15.21 4.50 -17.70
N TYR A 263 -14.63 3.96 -16.66
CA TYR A 263 -14.35 2.54 -16.56
C TYR A 263 -14.01 2.19 -15.11
N PRO A 264 -14.43 1.00 -14.62
CA PRO A 264 -14.32 0.73 -13.19
C PRO A 264 -12.92 0.80 -12.58
N ARG A 265 -11.85 0.80 -13.37
CA ARG A 265 -10.52 1.01 -12.79
C ARG A 265 -10.36 2.45 -12.29
N THR A 266 -11.20 3.34 -12.77
CA THR A 266 -11.28 4.69 -12.19
C THR A 266 -12.15 4.60 -10.94
N ASP A 267 -11.57 4.84 -9.76
CA ASP A 267 -12.35 4.73 -8.51
C ASP A 267 -13.66 5.55 -8.55
N GLY A 268 -14.79 4.88 -8.29
CA GLY A 268 -16.07 5.57 -8.32
C GLY A 268 -16.35 6.32 -7.04
N LEU A 269 -15.53 6.03 -6.02
CA LEU A 269 -15.60 6.73 -4.73
C LEU A 269 -16.95 6.55 -4.05
N LEU A 270 -17.78 7.59 -4.01
CA LEU A 270 -19.09 7.46 -3.34
C LEU A 270 -20.15 6.86 -4.27
N PHE A 271 -19.78 6.62 -5.52
CA PHE A 271 -20.66 5.92 -6.47
C PHE A 271 -20.14 4.53 -6.79
N SER A 272 -21.04 3.58 -7.03
CA SER A 272 -20.61 2.31 -7.59
C SER A 272 -20.72 2.37 -9.11
N TRP A 273 -19.92 1.55 -9.78
CA TRP A 273 -19.95 1.53 -11.23
C TRP A 273 -21.22 0.86 -11.75
N SER A 274 -21.86 0.04 -10.91
CA SER A 274 -23.15 -0.50 -11.30
C SER A 274 -24.12 0.63 -11.49
N GLU A 275 -24.18 1.57 -10.54
CA GLU A 275 -25.14 2.64 -10.73
C GLU A 275 -24.67 3.64 -11.81
N LEU A 276 -23.36 3.85 -11.93
CA LEU A 276 -22.86 4.79 -12.95
C LEU A 276 -23.16 4.30 -14.36
N GLU A 277 -22.99 2.99 -14.55
CA GLU A 277 -23.27 2.35 -15.82
C GLU A 277 -24.74 2.40 -16.21
N SER A 278 -25.62 2.25 -15.22
CA SER A 278 -27.04 2.22 -15.53
C SER A 278 -27.65 3.62 -15.56
N MET A 279 -26.95 4.57 -14.96
CA MET A 279 -27.48 5.92 -14.85
C MET A 279 -27.83 6.51 -16.20
N ASN A 280 -28.99 7.15 -16.22
CA ASN A 280 -29.51 7.78 -17.43
C ASN A 280 -28.82 9.12 -17.68
N SER A 281 -28.32 9.32 -18.90
CA SER A 281 -27.58 10.55 -19.19
C SER A 281 -28.50 11.74 -19.45
N GLU A 282 -29.78 11.47 -19.68
CA GLU A 282 -30.73 12.52 -20.06
C GLU A 282 -31.31 13.28 -18.88
N ASN A 283 -30.91 12.90 -17.67
CA ASN A 283 -31.37 13.64 -16.50
C ASN A 283 -30.91 15.08 -16.53
N MET A 284 -31.70 15.99 -15.98
CA MET A 284 -31.39 17.40 -16.01
CA MET A 284 -31.35 17.39 -16.02
C MET A 284 -30.60 17.83 -14.77
N LYS A 285 -30.53 16.93 -13.78
CA LYS A 285 -29.79 17.20 -12.55
C LYS A 285 -28.77 16.09 -12.33
N PRO A 286 -27.53 16.44 -11.99
CA PRO A 286 -26.62 15.35 -11.66
C PRO A 286 -26.88 14.85 -10.25
N GLU A 287 -26.54 13.59 -9.98
CA GLU A 287 -26.53 13.10 -8.61
C GLU A 287 -25.32 13.68 -7.89
N ILE A 288 -25.51 14.14 -6.67
CA ILE A 288 -24.39 14.71 -5.92
C ILE A 288 -24.22 13.98 -4.60
N ARG A 289 -23.02 13.47 -4.34
CA ARG A 289 -22.80 12.85 -3.03
C ARG A 289 -21.65 13.46 -2.27
N LEU A 290 -21.88 13.69 -0.99
CA LEU A 290 -20.87 14.23 -0.10
C LEU A 290 -20.68 13.24 1.02
N ILE A 291 -19.52 13.32 1.69
CA ILE A 291 -19.28 12.48 2.87
C ILE A 291 -20.27 12.85 3.98
N PRO A 292 -21.01 11.86 4.51
CA PRO A 292 -21.93 12.10 5.63
C PRO A 292 -21.19 12.43 6.93
N LYS A 293 -21.82 13.20 7.81
CA LYS A 293 -21.22 13.45 9.12
C LYS A 293 -21.27 12.17 9.94
N THR B 21 -12.98 -27.34 17.37
CA THR B 21 -12.49 -28.58 17.98
C THR B 21 -10.99 -28.75 17.77
N LEU B 22 -10.39 -27.88 16.96
CA LEU B 22 -8.98 -28.05 16.63
C LEU B 22 -8.08 -27.80 17.83
N ILE B 23 -6.93 -28.46 17.83
CA ILE B 23 -6.02 -28.35 18.95
C ILE B 23 -4.69 -27.77 18.50
N LEU B 24 -3.85 -27.43 19.46
CA LEU B 24 -2.53 -26.89 19.20
C LEU B 24 -1.51 -27.77 19.90
N THR B 25 -0.43 -28.11 19.20
CA THR B 25 0.62 -28.91 19.82
C THR B 25 1.88 -28.08 20.08
N LYS B 26 2.69 -28.57 20.99
CA LYS B 26 3.99 -28.00 21.29
C LYS B 26 4.83 -27.83 20.01
N ASN B 27 4.80 -28.84 19.15
CA ASN B 27 5.59 -28.80 17.93
C ASN B 27 5.10 -27.74 16.94
N GLN B 28 3.79 -27.59 16.82
CA GLN B 28 3.24 -26.53 15.98
C GLN B 28 3.77 -25.18 16.43
N VAL B 29 3.85 -24.96 17.74
CA VAL B 29 4.37 -23.70 18.24
C VAL B 29 5.86 -23.57 17.95
N LEU B 30 6.61 -24.64 18.17
CA LEU B 30 8.06 -24.59 17.95
C LEU B 30 8.40 -24.33 16.47
N HIS B 31 7.57 -24.83 15.56
CA HIS B 31 7.87 -24.71 14.12
C HIS B 31 7.74 -23.27 13.65
N CYS B 32 6.95 -22.49 14.36
CA CYS B 32 6.72 -21.09 14.01
C CYS B 32 7.73 -20.13 14.61
N GLN B 33 8.69 -20.63 15.38
CA GLN B 33 9.77 -19.78 15.86
C GLN B 33 10.48 -19.18 14.68
N PHE B 34 10.87 -17.91 14.80
CA PHE B 34 11.54 -17.23 13.70
C PHE B 34 12.75 -18.04 13.22
N SER B 35 13.58 -18.48 14.16
CA SER B 35 14.79 -19.20 13.81
C SER B 35 14.47 -20.48 13.04
N SER B 36 13.30 -21.07 13.30
CA SER B 36 12.91 -22.31 12.66
C SER B 36 12.41 -22.18 11.22
N TRP B 37 11.94 -21.01 10.80
CA TRP B 37 11.51 -20.89 9.42
C TRP B 37 12.32 -19.85 8.65
N TYR B 38 13.06 -18.99 9.36
CA TYR B 38 13.91 -18.04 8.67
C TYR B 38 14.97 -18.77 7.84
N SER B 39 15.58 -19.82 8.40
CA SER B 39 16.59 -20.57 7.66
C SER B 39 15.95 -21.26 6.45
N LEU B 40 14.76 -21.82 6.63
CA LEU B 40 14.03 -22.40 5.51
C LEU B 40 13.78 -21.40 4.38
N PHE B 41 13.36 -20.19 4.72
CA PHE B 41 12.83 -19.27 3.71
C PHE B 41 13.61 -17.97 3.59
N ARG B 42 14.89 -18.02 3.92
CA ARG B 42 15.77 -16.86 3.89
C ARG B 42 15.71 -16.06 2.58
N LYS B 43 15.58 -16.77 1.44
CA LYS B 43 15.54 -16.12 0.13
C LYS B 43 14.23 -15.41 -0.15
N LEU B 44 13.22 -15.69 0.68
CA LEU B 44 11.88 -15.17 0.46
C LEU B 44 11.46 -14.10 1.46
N THR B 45 12.31 -13.84 2.45
CA THR B 45 11.91 -13.04 3.58
C THR B 45 12.90 -11.89 3.73
N PRO B 46 12.46 -10.75 4.30
CA PRO B 46 13.40 -9.65 4.46
C PRO B 46 14.56 -10.00 5.38
N LYS B 47 15.70 -9.36 5.16
CA LYS B 47 16.94 -9.68 5.87
C LYS B 47 16.78 -9.56 7.39
N ALA B 48 17.34 -10.50 8.13
CA ALA B 48 17.33 -10.42 9.60
C ALA B 48 18.58 -11.05 10.19
N LYS B 49 18.94 -10.65 11.41
CA LYS B 49 19.95 -11.36 12.19
C LYS B 49 19.27 -11.99 13.40
N VAL B 50 19.66 -13.21 13.74
CA VAL B 50 19.10 -13.87 14.91
C VAL B 50 20.19 -14.09 15.96
N ILE B 51 19.96 -13.57 17.16
CA ILE B 51 20.87 -13.84 18.28
C ILE B 51 20.28 -14.94 19.14
N LYS B 52 20.88 -16.12 19.08
CA LYS B 52 20.34 -17.31 19.72
C LYS B 52 21.46 -18.16 20.32
N PRO B 53 21.37 -18.50 21.62
CA PRO B 53 20.31 -18.09 22.57
C PRO B 53 20.40 -16.62 22.92
N ILE B 54 19.27 -16.03 23.32
CA ILE B 54 19.24 -14.65 23.76
C ILE B 54 20.22 -14.48 24.93
N PRO B 55 20.97 -13.36 24.96
CA PRO B 55 21.89 -13.11 26.07
C PRO B 55 21.17 -13.20 27.42
N ALA B 56 21.77 -13.92 28.36
CA ALA B 56 21.12 -14.21 29.64
C ALA B 56 20.72 -12.92 30.34
N THR B 57 21.58 -11.92 30.25
CA THR B 57 21.32 -10.66 30.91
C THR B 57 20.20 -9.87 30.22
N VAL B 58 20.04 -10.07 28.92
CA VAL B 58 18.93 -9.45 28.20
C VAL B 58 17.62 -10.11 28.62
N LEU B 59 17.63 -11.44 28.66
CA LEU B 59 16.44 -12.21 29.02
C LEU B 59 15.92 -11.85 30.41
N LYS B 60 16.84 -11.68 31.37
CA LYS B 60 16.45 -11.29 32.72
C LYS B 60 15.82 -9.90 32.72
N TYR B 61 16.46 -8.97 32.02
CA TYR B 61 15.97 -7.60 31.89
C TYR B 61 14.55 -7.54 31.31
N LEU B 62 14.23 -8.42 30.38
CA LEU B 62 12.94 -8.37 29.70
C LEU B 62 11.82 -8.93 30.57
N HIS B 63 12.19 -9.79 31.51
CA HIS B 63 11.22 -10.42 32.41
C HIS B 63 10.71 -9.50 33.52
N GLU B 64 11.44 -8.41 33.80
CA GLU B 64 11.07 -7.53 34.90
C GLU B 64 9.74 -6.84 34.63
N ASP B 65 8.82 -6.89 35.60
CA ASP B 65 7.47 -6.39 35.37
C ASP B 65 7.22 -5.05 36.06
N SER B 66 8.29 -4.30 36.32
CA SER B 66 8.15 -2.97 36.88
C SER B 66 7.58 -2.04 35.83
N ILE B 67 6.72 -1.11 36.26
CA ILE B 67 6.09 -0.18 35.34
C ILE B 67 6.89 1.12 35.20
N TYR B 68 7.81 1.36 36.14
CA TYR B 68 8.49 2.66 36.20
C TYR B 68 9.64 2.81 35.21
N TYR B 91 18.19 -2.39 37.04
CA TYR B 91 18.97 -3.44 36.37
C TYR B 91 18.97 -3.23 34.86
N TYR B 92 20.09 -3.61 34.22
CA TYR B 92 20.26 -3.40 32.78
C TYR B 92 21.18 -4.47 32.21
N PRO B 93 20.96 -4.86 30.94
CA PRO B 93 21.85 -5.82 30.30
C PRO B 93 23.31 -5.34 30.30
N GLU B 94 24.26 -6.26 30.20
CA GLU B 94 25.67 -5.90 30.27
C GLU B 94 26.20 -5.41 28.94
N ARG B 95 27.46 -4.96 28.95
CA ARG B 95 28.04 -4.22 27.82
C ARG B 95 28.18 -5.03 26.53
N GLU B 96 28.72 -6.24 26.63
CA GLU B 96 28.88 -7.08 25.44
C GLU B 96 27.53 -7.48 24.86
N ALA B 97 26.51 -7.50 25.71
CA ALA B 97 25.14 -7.75 25.24
C ALA B 97 24.67 -6.57 24.40
N ILE B 98 24.86 -5.37 24.93
CA ILE B 98 24.55 -4.15 24.20
C ILE B 98 25.38 -4.09 22.92
N GLN B 99 26.67 -4.37 23.04
CA GLN B 99 27.55 -4.29 21.89
C GLN B 99 27.19 -5.34 20.83
N LEU B 100 26.72 -6.50 21.27
CA LEU B 100 26.30 -7.53 20.33
C LEU B 100 25.08 -7.06 19.52
N ILE B 101 24.16 -6.37 20.19
CA ILE B 101 22.97 -5.83 19.53
C ILE B 101 23.32 -4.71 18.59
N GLU B 102 24.14 -3.77 19.05
CA GLU B 102 24.56 -2.65 18.22
C GLU B 102 25.32 -3.14 17.00
N LYS B 103 26.04 -4.25 17.14
CA LYS B 103 26.78 -4.84 16.03
C LYS B 103 25.82 -5.35 14.95
N ALA B 104 24.79 -6.07 15.38
CA ALA B 104 23.78 -6.58 14.46
C ALA B 104 23.04 -5.43 13.77
N ILE B 105 22.74 -4.38 14.53
CA ILE B 105 22.08 -3.19 14.00
C ILE B 105 22.91 -2.58 12.88
N LYS B 106 24.19 -2.36 13.15
CA LYS B 106 25.08 -1.80 12.14
C LYS B 106 25.17 -2.70 10.90
N GLU B 107 25.27 -4.01 11.12
CA GLU B 107 25.32 -4.97 10.03
C GLU B 107 24.07 -4.93 9.14
N LEU B 108 22.92 -4.60 9.74
CA LEU B 108 21.67 -4.58 8.98
C LEU B 108 21.36 -3.23 8.38
N GLY B 109 22.27 -2.28 8.51
CA GLY B 109 22.11 -1.01 7.84
C GLY B 109 21.78 0.14 8.76
N GLY B 110 21.74 -0.11 10.07
CA GLY B 110 21.57 0.95 11.04
C GLY B 110 20.15 1.10 11.60
N ALA B 111 19.20 0.32 11.10
CA ALA B 111 17.83 0.45 11.58
C ALA B 111 17.13 -0.89 11.53
N VAL B 112 16.55 -1.29 12.66
CA VAL B 112 15.98 -2.63 12.80
C VAL B 112 14.60 -2.62 13.45
N VAL B 113 13.88 -3.72 13.27
CA VAL B 113 12.68 -4.00 14.04
C VAL B 113 12.92 -5.27 14.83
N PRO B 114 12.79 -5.21 16.16
CA PRO B 114 13.10 -6.37 16.99
C PRO B 114 11.89 -7.25 17.27
N LYS B 115 12.13 -8.50 17.64
CA LYS B 115 11.11 -9.42 18.12
C LYS B 115 11.80 -10.60 18.79
N LEU B 116 11.07 -11.40 19.55
CA LEU B 116 11.61 -12.64 20.06
C LEU B 116 11.13 -13.73 19.13
N ASN B 117 11.02 -14.96 19.63
CA ASN B 117 10.74 -16.12 18.79
C ASN B 117 9.50 -15.98 17.91
N TRP B 118 8.45 -15.33 18.42
CA TRP B 118 7.18 -15.36 17.70
C TRP B 118 6.57 -13.98 17.40
N SER B 119 6.56 -13.10 18.39
CA SER B 119 5.69 -11.92 18.31
C SER B 119 6.46 -10.61 18.13
N THR B 120 6.10 -9.87 17.09
CA THR B 120 6.61 -8.52 16.87
C THR B 120 5.87 -7.58 17.84
N PRO B 121 6.59 -6.68 18.52
CA PRO B 121 6.01 -5.78 19.53
C PRO B 121 5.21 -4.63 18.92
N LYS B 122 4.28 -4.94 18.02
CA LYS B 122 3.54 -3.92 17.30
C LYS B 122 2.52 -3.23 18.21
N ASP B 123 2.25 -3.84 19.35
CA ASP B 123 1.29 -3.28 20.27
C ASP B 123 1.92 -2.15 21.09
N ALA B 124 3.24 -2.03 21.02
CA ALA B 124 3.96 -1.12 21.91
C ALA B 124 4.37 0.21 21.24
N LEU B 125 3.71 0.56 20.14
CA LEU B 125 4.01 1.81 19.45
C LEU B 125 3.89 3.04 20.35
N TRP B 126 3.10 2.92 21.40
CA TRP B 126 2.83 4.06 22.27
C TRP B 126 4.04 4.52 23.11
N ILE B 127 4.90 3.61 23.56
CA ILE B 127 6.08 4.01 24.35
C ILE B 127 7.22 4.61 23.55
N THR B 128 7.26 4.34 22.26
CA THR B 128 8.34 4.86 21.44
C THR B 128 8.24 6.38 21.35
N THR B 129 9.39 7.05 21.21
CA THR B 129 9.39 8.49 21.06
C THR B 129 8.81 8.88 19.69
N THR B 130 8.95 7.98 18.73
CA THR B 130 8.65 8.26 17.32
C THR B 130 7.33 7.65 16.83
N GLY B 131 6.69 6.83 17.65
CA GLY B 131 5.49 6.12 17.22
C GLY B 131 5.79 5.15 16.09
N SER B 132 6.95 4.51 16.17
CA SER B 132 7.40 3.58 15.13
C SER B 132 8.09 2.37 15.72
N LEU B 133 8.15 1.30 14.97
CA LEU B 133 8.88 0.11 15.38
C LEU B 133 10.38 0.24 15.08
N LYS B 134 10.73 1.20 14.23
CA LYS B 134 12.12 1.46 13.84
C LYS B 134 13.03 1.73 15.04
N CYS B 135 14.08 0.94 15.20
CA CYS B 135 15.07 1.17 16.26
C CYS B 135 16.47 1.36 15.66
N THR B 136 17.21 2.34 16.16
CA THR B 136 18.56 2.56 15.66
C THR B 136 19.60 2.31 16.77
N THR B 137 19.14 2.15 17.99
CA THR B 137 20.02 1.86 19.11
C THR B 137 19.58 0.62 19.87
N ALA B 138 20.49 -0.02 20.58
CA ALA B 138 20.15 -1.16 21.42
C ALA B 138 19.13 -0.76 22.48
N GLU B 139 19.29 0.45 23.00
CA GLU B 139 18.37 1.00 24.00
C GLU B 139 16.93 1.03 23.48
N GLU B 140 16.74 1.50 22.25
CA GLU B 140 15.42 1.51 21.65
C GLU B 140 14.87 0.11 21.44
N VAL B 141 15.75 -0.83 21.10
CA VAL B 141 15.36 -2.23 20.93
C VAL B 141 14.82 -2.82 22.23
N LEU B 142 15.59 -2.67 23.29
CA LEU B 142 15.23 -3.20 24.60
C LEU B 142 13.95 -2.59 25.15
N LEU B 143 13.80 -1.28 24.99
CA LEU B 143 12.61 -0.57 25.48
C LEU B 143 11.33 -1.11 24.85
N LEU B 144 11.37 -1.31 23.54
CA LEU B 144 10.21 -1.81 22.81
C LEU B 144 9.87 -3.22 23.26
N LEU B 145 10.91 -4.06 23.35
CA LEU B 145 10.74 -5.45 23.75
C LEU B 145 10.21 -5.55 25.16
N LYS B 146 10.78 -4.74 26.05
CA LYS B 146 10.48 -4.80 27.49
C LYS B 146 9.05 -4.40 27.82
N SER B 147 8.42 -3.57 26.99
CA SER B 147 7.09 -3.10 27.38
C SER B 147 5.99 -3.57 26.43
N SER B 148 6.27 -4.60 25.65
CA SER B 148 5.27 -5.15 24.73
C SER B 148 4.45 -6.27 25.36
N ASP B 149 3.13 -6.25 25.16
CA ASP B 149 2.25 -7.33 25.62
C ASP B 149 2.54 -8.62 24.85
N PHE B 150 2.70 -8.46 23.55
CA PHE B 150 2.99 -9.58 22.64
C PHE B 150 4.27 -10.28 23.05
N VAL B 151 5.29 -9.49 23.35
CA VAL B 151 6.57 -10.05 23.73
C VAL B 151 6.47 -10.72 25.10
N ALA B 152 5.73 -10.11 26.01
CA ALA B 152 5.50 -10.73 27.32
C ALA B 152 4.80 -12.06 27.16
N HIS B 153 3.85 -12.12 26.23
CA HIS B 153 3.18 -13.40 25.97
C HIS B 153 4.18 -14.47 25.50
N ASP B 154 5.10 -14.11 24.60
CA ASP B 154 6.18 -15.04 24.21
C ASP B 154 6.94 -15.55 25.42
N LEU B 155 7.30 -14.63 26.31
CA LEU B 155 8.15 -14.95 27.44
C LEU B 155 7.46 -15.84 28.48
N ASN B 156 6.16 -15.69 28.67
CA ASN B 156 5.52 -16.36 29.80
C ASN B 156 4.38 -17.31 29.48
N HIS B 157 3.88 -17.27 28.25
CA HIS B 157 2.68 -18.04 27.93
C HIS B 157 2.72 -18.71 26.55
N ALA B 158 3.92 -18.87 26.01
CA ALA B 158 4.09 -19.36 24.63
C ALA B 158 3.42 -20.71 24.39
N PHE B 159 3.54 -21.60 25.38
CA PHE B 159 3.04 -22.95 25.20
C PHE B 159 1.75 -23.22 25.96
N ASP B 160 1.12 -22.15 26.47
CA ASP B 160 -0.05 -22.31 27.34
C ASP B 160 -1.16 -23.15 26.74
N ASP B 161 -1.45 -22.93 25.45
CA ASP B 161 -2.57 -23.60 24.81
C ASP B 161 -2.25 -25.02 24.32
N CYS B 162 -0.99 -25.42 24.43
CA CYS B 162 -0.56 -26.72 23.90
C CYS B 162 -1.07 -27.90 24.71
N LYS B 163 -1.84 -28.75 24.05
CA LYS B 163 -2.47 -29.90 24.68
C LYS B 163 -1.46 -30.92 25.21
N ASP B 164 -0.41 -31.15 24.43
CA ASP B 164 0.57 -32.20 24.68
C ASP B 164 1.75 -31.71 25.50
N PHE B 165 1.56 -30.61 26.23
CA PHE B 165 2.64 -30.07 27.04
C PHE B 165 2.10 -29.24 28.20
N ASP B 166 2.77 -29.35 29.34
CA ASP B 166 2.37 -28.63 30.55
C ASP B 166 3.21 -27.37 30.76
N SER B 171 9.02 -25.74 32.60
CA SER B 171 7.78 -25.15 32.09
C SER B 171 7.87 -24.85 30.59
N VAL B 172 9.07 -24.98 30.03
CA VAL B 172 9.29 -24.89 28.58
C VAL B 172 9.97 -26.16 28.08
N PRO B 173 9.72 -26.54 26.80
CA PRO B 173 10.27 -27.77 26.23
C PRO B 173 11.79 -27.87 26.33
N LYS B 174 12.30 -29.08 26.18
CA LYS B 174 13.75 -29.29 26.18
C LYS B 174 14.33 -28.85 24.85
N ASP B 175 15.54 -28.29 24.91
CA ASP B 175 16.29 -27.78 23.76
C ASP B 175 15.73 -26.46 23.22
N PHE B 176 14.57 -26.05 23.72
CA PHE B 176 14.04 -24.73 23.42
C PHE B 176 14.91 -23.64 24.03
N SER B 177 15.10 -22.56 23.29
CA SER B 177 15.68 -21.36 23.86
C SER B 177 14.99 -20.14 23.29
N PHE B 178 14.98 -19.04 24.03
CA PHE B 178 14.52 -17.77 23.49
C PHE B 178 15.58 -17.19 22.57
N GLU B 179 15.16 -16.32 21.66
CA GLU B 179 16.08 -15.73 20.70
C GLU B 179 15.73 -14.27 20.48
N LEU B 180 16.75 -13.45 20.22
CA LEU B 180 16.54 -12.06 19.88
C LEU B 180 16.70 -11.85 18.37
N VAL B 181 15.59 -11.49 17.73
CA VAL B 181 15.56 -11.34 16.29
C VAL B 181 15.64 -9.87 15.96
N LEU B 182 16.57 -9.49 15.09
CA LEU B 182 16.63 -8.10 14.61
C LEU B 182 16.39 -8.08 13.10
N LYS B 183 15.23 -7.57 12.70
CA LYS B 183 14.90 -7.54 11.28
C LYS B 183 15.34 -6.23 10.71
N GLU B 184 15.90 -6.24 9.51
CA GLU B 184 16.24 -5.00 8.87
C GLU B 184 14.96 -4.19 8.70
N TRP B 185 14.98 -2.95 9.15
CA TRP B 185 13.84 -2.09 8.99
C TRP B 185 13.73 -1.58 7.56
N PHE B 186 12.50 -1.47 7.08
CA PHE B 186 12.24 -0.83 5.80
C PHE B 186 10.82 -0.23 5.81
N PRO B 187 10.65 0.92 5.16
CA PRO B 187 9.29 1.46 5.08
C PRO B 187 8.41 0.51 4.29
N MET B 188 7.19 0.28 4.73
CA MET B 188 6.32 -0.56 3.92
C MET B 188 4.92 0.01 3.77
N HIS B 189 4.29 -0.40 2.68
CA HIS B 189 2.92 -0.02 2.40
C HIS B 189 2.02 -0.96 3.18
N ALA B 190 1.43 -0.45 4.26
CA ALA B 190 0.66 -1.30 5.18
C ALA B 190 -0.49 -2.00 4.49
N SER B 191 -1.08 -1.35 3.48
CA SER B 191 -2.28 -1.89 2.87
C SER B 191 -2.01 -2.96 1.80
N THR B 192 -0.75 -3.26 1.52
CA THR B 192 -0.44 -4.37 0.61
C THR B 192 0.24 -5.50 1.38
N GLU B 193 -0.14 -5.63 2.64
CA GLU B 193 0.20 -6.81 3.42
C GLU B 193 -1.05 -7.67 3.56
N PHE B 194 -0.88 -9.00 3.55
CA PHE B 194 -2.01 -9.92 3.64
C PHE B 194 -1.76 -11.02 4.67
N ARG B 195 -2.83 -11.57 5.23
CA ARG B 195 -2.74 -12.75 6.09
C ARG B 195 -3.37 -13.91 5.35
N CYS B 196 -2.68 -15.05 5.29
CA CYS B 196 -3.07 -16.11 4.38
C CYS B 196 -3.18 -17.44 5.12
N PHE B 197 -4.32 -18.12 4.95
CA PHE B 197 -4.65 -19.28 5.77
C PHE B 197 -4.52 -20.57 4.98
N VAL B 198 -3.73 -21.50 5.52
CA VAL B 198 -3.42 -22.75 4.86
C VAL B 198 -3.95 -23.94 5.67
N LYS B 199 -4.80 -24.74 5.03
CA LYS B 199 -5.31 -25.97 5.65
C LYS B 199 -5.06 -27.14 4.72
N SER B 200 -4.44 -28.20 5.24
CA SER B 200 -4.07 -29.36 4.43
C SER B 200 -3.27 -28.93 3.20
N LYS B 201 -2.33 -28.01 3.42
CA LYS B 201 -1.45 -27.48 2.38
C LYS B 201 -2.18 -26.73 1.27
N ARG B 202 -3.45 -26.40 1.49
CA ARG B 202 -4.22 -25.62 0.52
C ARG B 202 -4.45 -24.18 1.01
N LEU B 203 -4.30 -23.21 0.11
CA LEU B 203 -4.69 -21.83 0.43
C LEU B 203 -6.22 -21.76 0.49
N ILE B 204 -6.77 -21.81 1.68
CA ILE B 204 -8.23 -21.82 1.83
C ILE B 204 -8.81 -20.41 1.92
N ALA B 205 -8.00 -19.43 2.32
CA ALA B 205 -8.48 -18.06 2.45
C ALA B 205 -7.34 -17.07 2.62
N PHE B 206 -7.59 -15.80 2.30
CA PHE B 206 -6.65 -14.76 2.68
C PHE B 206 -7.36 -13.41 2.74
N CYS B 207 -6.83 -12.52 3.56
CA CYS B 207 -7.42 -11.21 3.71
C CYS B 207 -6.38 -10.12 3.86
N GLN B 208 -6.82 -8.90 3.59
CA GLN B 208 -6.02 -7.73 3.91
C GLN B 208 -5.63 -7.74 5.39
N ARG B 209 -4.40 -7.33 5.64
CA ARG B 209 -3.80 -7.39 6.96
C ARG B 209 -4.09 -6.16 7.84
N ASP B 210 -4.04 -4.97 7.25
CA ASP B 210 -4.37 -3.73 7.98
C ASP B 210 -5.87 -3.46 7.92
N ASP B 211 -6.32 -2.30 8.39
CA ASP B 211 -7.75 -2.04 8.38
C ASP B 211 -8.13 -0.74 7.68
N ASN B 212 -7.27 -0.27 6.78
CA ASN B 212 -7.60 0.89 5.95
C ASN B 212 -7.95 0.48 4.52
N TYR B 213 -9.10 0.95 4.03
CA TYR B 213 -9.53 0.66 2.66
C TYR B 213 -8.46 1.08 1.67
N TYR B 214 -8.23 0.27 0.64
CA TYR B 214 -7.26 0.59 -0.40
C TYR B 214 -7.83 0.07 -1.71
N GLU B 215 -8.23 0.99 -2.57
CA GLU B 215 -9.05 0.64 -3.73
C GLU B 215 -8.30 -0.21 -4.72
N PHE B 216 -7.00 0.02 -4.81
CA PHE B 216 -6.10 -0.70 -5.71
C PHE B 216 -6.20 -2.22 -5.55
N LEU B 217 -6.54 -2.67 -4.33
CA LEU B 217 -6.55 -4.10 -4.02
C LEU B 217 -7.63 -4.86 -4.80
N LYS B 218 -8.90 -4.45 -4.68
CA LYS B 218 -9.94 -5.22 -5.34
C LYS B 218 -9.82 -5.08 -6.86
N GLU B 219 -9.23 -3.97 -7.32
CA GLU B 219 -9.00 -3.77 -8.76
C GLU B 219 -7.97 -4.72 -9.34
N ASN B 220 -7.13 -5.27 -8.47
CA ASN B 220 -5.97 -6.05 -8.89
C ASN B 220 -5.85 -7.35 -8.11
N ILE B 221 -6.96 -7.81 -7.56
CA ILE B 221 -6.93 -8.91 -6.60
C ILE B 221 -6.45 -10.23 -7.21
N ASP B 222 -6.75 -10.46 -8.50
CA ASP B 222 -6.28 -11.69 -9.16
C ASP B 222 -4.75 -11.73 -9.22
N CYS B 223 -4.14 -10.57 -9.38
CA CYS B 223 -2.69 -10.47 -9.39
C CYS B 223 -2.12 -10.81 -8.01
N TYR B 224 -2.75 -10.27 -6.97
CA TYR B 224 -2.30 -10.54 -5.62
C TYR B 224 -2.45 -12.02 -5.28
N GLU B 225 -3.62 -12.57 -5.60
CA GLU B 225 -3.89 -13.97 -5.33
C GLU B 225 -2.85 -14.88 -5.97
N LYS B 226 -2.46 -14.57 -7.21
CA LYS B 226 -1.45 -15.38 -7.90
C LYS B 226 -0.10 -15.33 -7.20
N LEU B 227 0.31 -14.13 -6.78
CA LEU B 227 1.58 -14.01 -6.10
C LEU B 227 1.57 -14.75 -4.75
N ILE B 228 0.42 -14.76 -4.08
CA ILE B 228 0.29 -15.45 -2.79
C ILE B 228 0.35 -16.97 -3.00
N SER B 229 -0.45 -17.47 -3.92
CA SER B 229 -0.43 -18.89 -4.29
C SER B 229 0.95 -19.33 -4.73
N ASP B 230 1.61 -18.50 -5.53
CA ASP B 230 2.98 -18.77 -5.96
C ASP B 230 3.91 -18.92 -4.77
N LEU B 231 3.74 -18.06 -3.77
CA LEU B 231 4.62 -18.11 -2.62
C LEU B 231 4.35 -19.36 -1.79
N LEU B 232 3.09 -19.76 -1.69
CA LEU B 232 2.72 -20.92 -0.90
C LEU B 232 3.42 -22.15 -1.46
N LYS B 233 3.58 -22.18 -2.78
CA LYS B 233 4.26 -23.31 -3.42
C LYS B 233 5.70 -23.39 -2.97
N LYS B 234 6.28 -22.24 -2.60
CA LYS B 234 7.65 -22.20 -2.17
C LYS B 234 7.76 -22.41 -0.66
N LEU B 235 6.65 -22.65 0.02
CA LEU B 235 6.72 -22.91 1.46
C LEU B 235 6.60 -24.42 1.75
N ASP B 236 7.02 -25.23 0.78
CA ASP B 236 6.84 -26.67 0.86
C ASP B 236 7.64 -27.32 1.99
N THR B 237 8.67 -26.65 2.46
CA THR B 237 9.50 -27.22 3.51
C THR B 237 8.92 -26.97 4.90
N PHE B 238 7.85 -26.18 4.99
CA PHE B 238 7.24 -25.97 6.30
C PHE B 238 6.54 -27.26 6.75
N PRO B 239 6.90 -27.73 7.96
CA PRO B 239 6.57 -29.07 8.45
C PRO B 239 5.10 -29.34 8.78
N ASP B 240 4.27 -28.33 8.90
CA ASP B 240 2.87 -28.62 9.22
C ASP B 240 1.95 -28.41 8.03
N PRO B 241 0.88 -29.20 7.95
CA PRO B 241 -0.09 -29.04 6.86
C PRO B 241 -1.00 -27.84 7.02
N ASP B 242 -1.20 -27.36 8.25
CA ASP B 242 -2.04 -26.19 8.51
C ASP B 242 -1.25 -25.09 9.21
N PHE B 243 -1.28 -23.86 8.68
CA PHE B 243 -0.55 -22.75 9.28
C PHE B 243 -1.09 -21.44 8.72
N VAL B 244 -0.54 -20.33 9.20
CA VAL B 244 -0.98 -19.01 8.73
C VAL B 244 0.26 -18.20 8.38
N PHE B 245 0.35 -17.65 7.17
CA PHE B 245 1.53 -16.85 6.86
C PHE B 245 1.13 -15.43 6.47
N ASP B 246 2.00 -14.49 6.81
CA ASP B 246 1.79 -13.09 6.45
C ASP B 246 2.70 -12.73 5.28
N VAL B 247 2.16 -12.01 4.31
CA VAL B 247 2.90 -11.64 3.10
CA VAL B 247 2.92 -11.63 3.13
C VAL B 247 2.86 -10.13 2.89
N TYR B 248 3.95 -9.57 2.40
CA TYR B 248 3.98 -8.18 1.94
C TYR B 248 4.21 -8.22 0.44
N ILE B 249 3.34 -7.59 -0.33
CA ILE B 249 3.49 -7.63 -1.78
C ILE B 249 3.72 -6.23 -2.31
N HIS B 250 4.81 -6.06 -3.04
CA HIS B 250 5.25 -4.72 -3.45
C HIS B 250 5.95 -4.82 -4.80
N LYS B 251 5.48 -4.04 -5.77
CA LYS B 251 6.04 -4.03 -7.11
C LYS B 251 6.21 -5.44 -7.66
N ASP B 252 5.13 -6.23 -7.53
CA ASP B 252 5.00 -7.56 -8.13
C ASP B 252 5.95 -8.58 -7.50
N ARG B 253 6.36 -8.32 -6.26
CA ARG B 253 7.18 -9.27 -5.53
C ARG B 253 6.54 -9.56 -4.19
N ALA B 254 6.40 -10.85 -3.86
CA ALA B 254 5.85 -11.26 -2.57
C ALA B 254 6.97 -11.59 -1.59
N TRP B 255 6.86 -11.04 -0.38
CA TRP B 255 7.82 -11.29 0.69
C TRP B 255 7.12 -11.99 1.82
N LEU B 256 7.68 -13.10 2.30
CA LEU B 256 7.20 -13.73 3.52
C LEU B 256 7.57 -12.86 4.73
N ILE B 257 6.61 -12.57 5.58
CA ILE B 257 6.89 -11.73 6.74
C ILE B 257 6.86 -12.53 8.05
N ASP B 258 5.92 -13.46 8.17
CA ASP B 258 5.76 -14.19 9.43
C ASP B 258 4.99 -15.48 9.16
N ILE B 259 5.12 -16.44 10.08
CA ILE B 259 4.35 -17.68 10.01
C ILE B 259 3.81 -17.97 11.41
N ASN B 260 2.53 -18.29 11.50
CA ASN B 260 1.86 -18.50 12.77
C ASN B 260 1.03 -19.75 12.73
N PRO B 261 0.71 -20.32 13.90
CA PRO B 261 -0.09 -21.56 13.94
C PRO B 261 -1.52 -21.38 13.45
N PHE B 262 -2.06 -22.47 12.91
CA PHE B 262 -3.46 -22.55 12.54
C PHE B 262 -4.25 -22.81 13.82
N TYR B 263 -4.49 -21.75 14.58
CA TYR B 263 -5.11 -21.84 15.88
C TYR B 263 -5.64 -20.46 16.25
N PRO B 264 -6.79 -20.41 16.96
CA PRO B 264 -7.47 -19.13 17.23
C PRO B 264 -6.67 -18.05 17.95
N ARG B 265 -5.46 -18.37 18.44
CA ARG B 265 -4.62 -17.34 19.03
C ARG B 265 -3.93 -16.52 17.94
N THR B 266 -4.00 -17.01 16.71
CA THR B 266 -3.58 -16.25 15.55
C THR B 266 -4.83 -15.48 15.09
N ASP B 267 -4.77 -14.15 15.09
CA ASP B 267 -5.95 -13.37 14.75
C ASP B 267 -6.46 -13.68 13.34
N GLY B 268 -7.73 -14.03 13.22
CA GLY B 268 -8.33 -14.30 11.92
C GLY B 268 -8.62 -13.04 11.11
N LEU B 269 -8.47 -11.88 11.75
CA LEU B 269 -8.69 -10.59 11.11
C LEU B 269 -10.09 -10.53 10.49
N LEU B 270 -10.18 -10.58 9.17
CA LEU B 270 -11.48 -10.46 8.51
C LEU B 270 -12.23 -11.79 8.47
N PHE B 271 -11.60 -12.85 8.97
CA PHE B 271 -12.25 -14.14 9.13
C PHE B 271 -12.39 -14.50 10.60
N SER B 272 -13.40 -15.31 10.91
CA SER B 272 -13.52 -15.93 12.24
C SER B 272 -12.94 -17.33 12.17
N TRP B 273 -12.47 -17.85 13.29
CA TRP B 273 -11.90 -19.20 13.25
C TRP B 273 -12.98 -20.25 13.10
N SER B 274 -14.20 -19.91 13.50
CA SER B 274 -15.34 -20.78 13.24
C SER B 274 -15.49 -21.05 11.73
N GLU B 275 -15.48 -20.00 10.92
CA GLU B 275 -15.66 -20.20 9.48
C GLU B 275 -14.38 -20.69 8.80
N LEU B 276 -13.22 -20.45 9.41
CA LEU B 276 -11.97 -21.00 8.88
C LEU B 276 -11.94 -22.51 9.05
N GLU B 277 -12.36 -23.00 10.22
CA GLU B 277 -12.48 -24.43 10.46
C GLU B 277 -13.55 -25.03 9.55
N SER B 278 -14.54 -24.21 9.20
CA SER B 278 -15.65 -24.62 8.33
C SER B 278 -15.20 -24.83 6.90
N MET B 279 -14.16 -24.12 6.49
CA MET B 279 -13.75 -24.12 5.10
C MET B 279 -13.24 -25.47 4.65
N ASN B 280 -13.45 -25.74 3.37
CA ASN B 280 -13.21 -27.04 2.79
C ASN B 280 -11.98 -27.01 1.89
N SER B 281 -10.88 -27.56 2.37
CA SER B 281 -9.58 -27.46 1.71
C SER B 281 -9.55 -27.95 0.26
N GLU B 282 -10.37 -28.96 -0.04
CA GLU B 282 -10.37 -29.58 -1.37
C GLU B 282 -10.98 -28.66 -2.44
N ASN B 283 -12.02 -27.92 -2.06
CA ASN B 283 -12.59 -26.89 -2.91
C ASN B 283 -11.55 -25.76 -3.02
N MET B 284 -10.97 -25.62 -4.20
CA MET B 284 -9.66 -24.99 -4.34
C MET B 284 -9.64 -23.59 -4.95
N LYS B 285 -10.67 -22.80 -4.65
CA LYS B 285 -10.61 -21.36 -4.85
C LYS B 285 -10.68 -20.69 -3.48
N PRO B 286 -9.63 -19.95 -3.11
CA PRO B 286 -9.59 -19.31 -1.79
C PRO B 286 -10.66 -18.25 -1.56
N GLU B 287 -11.14 -18.21 -0.34
CA GLU B 287 -12.01 -17.14 0.10
C GLU B 287 -11.16 -15.88 0.28
N ILE B 288 -11.61 -14.76 -0.27
CA ILE B 288 -10.83 -13.54 -0.20
C ILE B 288 -11.64 -12.44 0.44
N ARG B 289 -11.03 -11.69 1.37
CA ARG B 289 -11.71 -10.58 2.00
C ARG B 289 -10.82 -9.35 2.12
N LEU B 290 -11.35 -8.20 1.72
CA LEU B 290 -10.63 -6.95 1.78
C LEU B 290 -11.39 -5.97 2.65
N ILE B 291 -10.71 -4.95 3.16
CA ILE B 291 -11.43 -3.89 3.86
C ILE B 291 -12.35 -3.21 2.86
N PRO B 292 -13.65 -3.15 3.18
CA PRO B 292 -14.67 -2.58 2.29
C PRO B 292 -14.66 -1.06 2.36
N LYS B 293 -15.09 -0.42 1.27
CA LYS B 293 -15.16 1.04 1.18
C LYS B 293 -16.14 1.65 2.18
PB ADP C . -5.48 10.76 -9.54
O1B ADP C . -6.49 11.28 -10.54
O2B ADP C . -4.60 9.64 -10.07
O3B ADP C . -6.12 10.56 -8.18
PA ADP C . -4.63 13.51 -9.20
O1A ADP C . -6.09 13.77 -9.44
O2A ADP C . -3.54 14.19 -10.00
O3A ADP C . -4.37 11.92 -9.33
O5' ADP C . -4.36 13.82 -7.65
C5' ADP C . -4.22 12.80 -6.67
C4' ADP C . -4.24 13.53 -5.33
O4' ADP C . -2.99 14.19 -5.14
C3' ADP C . -5.30 14.62 -5.35
O3' ADP C . -6.48 14.19 -4.66
C2' ADP C . -4.66 15.81 -4.66
O2' ADP C . -5.08 15.91 -3.30
C1' ADP C . -3.17 15.54 -4.70
N9 ADP C . -2.57 16.46 -5.69
C8 ADP C . -2.64 16.31 -7.03
N7 ADP C . -1.99 17.33 -7.67
C5 ADP C . -1.51 18.16 -6.71
C6 ADP C . -0.73 19.41 -6.70
N6 ADP C . -0.35 19.98 -7.88
N1 ADP C . -0.42 19.97 -5.49
C2 ADP C . -0.81 19.38 -4.34
N3 ADP C . -1.52 18.23 -4.28
C4 ADP C . -1.90 17.58 -5.42
#